data_1ZFJ
#
_entry.id   1ZFJ
#
_cell.length_a   151.480
_cell.length_b   151.480
_cell.length_c   101.680
_cell.angle_alpha   90.00
_cell.angle_beta   90.00
_cell.angle_gamma   90.00
#
_symmetry.space_group_name_H-M   'I 4 2 2'
#
loop_
_entity.id
_entity.type
_entity.pdbx_description
1 polymer 'INOSINE MONOPHOSPHATE DEHYDROGENASE'
2 non-polymer 'INOSINIC ACID'
3 water water
#
_entity_poly.entity_id   1
_entity_poly.type   'polypeptide(L)'
_entity_poly.pdbx_seq_one_letter_code
;SNWDTKFLKKGYTFDDVLLIPAESHVLPNEVDLKTKLADNLTLNIPIITAA(MSE)DTVTGSK(MSE)AIAIARAGGLGV
IHKN(MSE)SITEQAEEVRKVKRSENGVIIDPFFLTPEHKVSEAEEL(MSE)QRYRISGVPIVETLANRKLVGIITNRD
(MSE)RFISDYNAPISEH(MSE)TSEHLVTAAVGTDLETAERILHEHRIEKLPLVDNSGRLSGLITIKDIEKVIEFPHAA
KDEFGRLLVAAAVGVTSDTFERAEALFEAGADAIVIDTAHGHSAGVLRKIAEIRAHFPNRTLIAGNIATAEGARALYDAG
VDVVKVGIGPGSICTTRVVAGVGVPQVTAIYDAAAVAREYGKTIIADGGIKYSGDIVKALAAGGNAV(MSE)LGS(MSE)
FAGTDEAPGETEIYQGRKYKTYRG(MSE)GSIAA(MSE)KKGSSDRYFQGSVNEANKLVPEGIEGRVAYKGAASDIVFQ
(MSE)LGGIRSG(MSE)GYVGAGDIQELHENAQFVE(MSE)SGAGLIESHPHDVQITNEAPNYSV
;
_entity_poly.pdbx_strand_id   A
#
# COMPACT_ATOMS: atom_id res chain seq x y z
N SER A 1 -7.69 -6.87 -41.17
CA SER A 1 -7.48 -5.40 -41.11
C SER A 1 -8.61 -4.69 -40.38
N ASN A 2 -8.28 -3.98 -39.29
CA ASN A 2 -9.30 -3.25 -38.54
C ASN A 2 -9.70 -1.96 -39.24
N TRP A 3 -9.25 -1.77 -40.48
CA TRP A 3 -9.62 -0.56 -41.18
C TRP A 3 -11.14 -0.50 -41.33
N ASP A 4 -11.78 -1.66 -41.39
CA ASP A 4 -13.23 -1.69 -41.50
C ASP A 4 -13.92 -1.68 -40.14
N THR A 5 -13.12 -1.77 -39.08
CA THR A 5 -13.60 -1.73 -37.71
C THR A 5 -12.81 -0.63 -36.98
N LYS A 6 -12.55 0.47 -37.70
CA LYS A 6 -11.80 1.60 -37.18
C LYS A 6 -12.44 2.20 -35.92
N PHE A 7 -13.76 2.36 -35.95
CA PHE A 7 -14.49 2.89 -34.80
C PHE A 7 -15.10 1.67 -34.13
N LEU A 8 -14.39 1.16 -33.14
CA LEU A 8 -14.78 -0.05 -32.44
C LEU A 8 -16.04 0.03 -31.61
N LYS A 9 -16.09 0.94 -30.65
CA LYS A 9 -17.27 1.06 -29.81
C LYS A 9 -17.19 2.22 -28.83
N LYS A 10 -18.19 2.34 -27.97
CA LYS A 10 -18.22 3.41 -26.98
C LYS A 10 -17.70 2.96 -25.63
N GLY A 11 -17.06 3.89 -24.93
CA GLY A 11 -16.52 3.60 -23.61
C GLY A 11 -17.17 4.52 -22.58
N TYR A 12 -17.30 4.01 -21.36
CA TYR A 12 -17.90 4.77 -20.26
C TYR A 12 -16.87 5.12 -19.23
N THR A 13 -17.00 6.31 -18.65
CA THR A 13 -16.12 6.76 -17.59
C THR A 13 -17.05 6.92 -16.38
N PHE A 14 -16.48 7.08 -15.20
CA PHE A 14 -17.29 7.21 -13.99
C PHE A 14 -18.46 8.19 -14.09
N ASP A 15 -18.28 9.32 -14.78
CA ASP A 15 -19.35 10.30 -14.88
C ASP A 15 -20.45 10.02 -15.91
N ASP A 16 -20.40 8.86 -16.56
CA ASP A 16 -21.44 8.51 -17.53
C ASP A 16 -22.48 7.59 -16.90
N VAL A 17 -22.14 7.00 -15.77
CA VAL A 17 -23.02 6.04 -15.11
C VAL A 17 -23.28 6.25 -13.61
N LEU A 18 -24.36 5.62 -13.16
CA LEU A 18 -24.77 5.62 -11.75
C LEU A 18 -25.19 4.20 -11.40
N LEU A 19 -24.97 3.80 -10.16
CA LEU A 19 -25.38 2.46 -9.75
C LEU A 19 -26.87 2.53 -9.41
N ILE A 20 -27.62 1.55 -9.86
CA ILE A 20 -29.06 1.52 -9.62
C ILE A 20 -29.38 0.91 -8.26
N PRO A 21 -30.23 1.58 -7.48
CA PRO A 21 -30.60 1.06 -6.16
C PRO A 21 -31.28 -0.30 -6.34
N ALA A 22 -31.12 -1.19 -5.36
CA ALA A 22 -31.72 -2.52 -5.43
C ALA A 22 -32.15 -3.00 -4.05
N GLU A 23 -32.91 -4.09 -3.98
CA GLU A 23 -33.32 -4.58 -2.68
C GLU A 23 -32.05 -4.87 -1.90
N SER A 24 -32.07 -4.54 -0.61
CA SER A 24 -30.90 -4.74 0.24
C SER A 24 -31.23 -5.37 1.59
N HIS A 25 -30.39 -6.31 2.02
CA HIS A 25 -30.56 -6.97 3.32
C HIS A 25 -29.31 -6.79 4.16
N VAL A 26 -28.53 -5.75 3.86
CA VAL A 26 -27.30 -5.49 4.59
C VAL A 26 -27.14 -4.00 4.83
N LEU A 27 -26.93 -3.62 6.08
CA LEU A 27 -26.76 -2.21 6.40
C LEU A 27 -25.33 -1.82 6.05
N PRO A 28 -25.09 -0.52 5.82
CA PRO A 28 -23.73 -0.08 5.47
C PRO A 28 -22.66 -0.54 6.45
N ASN A 29 -22.96 -0.45 7.74
CA ASN A 29 -22.01 -0.82 8.79
C ASN A 29 -21.74 -2.32 8.88
N GLU A 30 -22.44 -3.12 8.11
CA GLU A 30 -22.19 -4.55 8.16
C GLU A 30 -21.70 -5.11 6.83
N VAL A 31 -21.39 -4.23 5.88
CA VAL A 31 -20.89 -4.71 4.60
C VAL A 31 -19.44 -5.15 4.83
N ASP A 32 -19.02 -6.17 4.09
CA ASP A 32 -17.66 -6.68 4.20
C ASP A 32 -16.76 -5.98 3.19
N LEU A 33 -15.78 -5.23 3.68
CA LEU A 33 -14.87 -4.51 2.79
C LEU A 33 -13.60 -5.29 2.41
N LYS A 34 -13.43 -6.49 2.95
CA LYS A 34 -12.23 -7.25 2.63
C LYS A 34 -12.15 -7.65 1.17
N THR A 35 -10.92 -7.80 0.69
CA THR A 35 -10.72 -8.22 -0.70
C THR A 35 -9.42 -9.03 -0.77
N LYS A 36 -9.50 -10.22 -1.35
CA LYS A 36 -8.30 -11.04 -1.50
C LYS A 36 -7.79 -10.81 -2.90
N LEU A 37 -6.55 -10.31 -2.99
CA LEU A 37 -5.94 -10.01 -4.29
C LEU A 37 -5.13 -11.20 -4.78
N ALA A 38 -4.59 -11.95 -3.84
CA ALA A 38 -3.80 -13.12 -4.13
C ALA A 38 -3.73 -13.96 -2.85
N ASP A 39 -3.35 -15.22 -2.98
CA ASP A 39 -3.25 -16.14 -1.84
C ASP A 39 -2.54 -15.45 -0.67
N ASN A 40 -1.47 -14.73 -0.99
CA ASN A 40 -0.66 -13.99 -0.01
C ASN A 40 -1.17 -12.58 0.26
N LEU A 41 -2.12 -12.11 -0.55
CA LEU A 41 -2.58 -10.73 -0.39
C LEU A 41 -4.08 -10.49 -0.23
N THR A 42 -4.49 -10.24 1.01
CA THR A 42 -5.88 -9.95 1.33
C THR A 42 -5.91 -8.65 2.12
N LEU A 43 -6.70 -7.69 1.65
CA LEU A 43 -6.77 -6.40 2.34
C LEU A 43 -8.10 -6.28 3.04
N ASN A 44 -8.16 -5.47 4.09
CA ASN A 44 -9.39 -5.24 4.86
C ASN A 44 -10.27 -4.15 4.24
N ILE A 45 -9.71 -3.38 3.30
CA ILE A 45 -10.44 -2.35 2.59
C ILE A 45 -9.84 -2.37 1.17
N PRO A 46 -10.70 -2.25 0.14
CA PRO A 46 -10.27 -2.26 -1.26
C PRO A 46 -9.54 -1.01 -1.72
N ILE A 47 -8.64 -0.49 -0.89
CA ILE A 47 -7.92 0.73 -1.21
C ILE A 47 -6.39 0.62 -1.21
N ILE A 48 -5.77 1.12 -2.28
CA ILE A 48 -4.32 1.10 -2.45
C ILE A 48 -3.81 2.49 -2.85
N THR A 49 -2.67 2.89 -2.30
CA THR A 49 -2.10 4.21 -2.61
C THR A 49 -1.07 4.14 -3.74
N ALA A 50 -1.21 5.02 -4.72
CA ALA A 50 -0.34 5.06 -5.89
C ALA A 50 1.17 5.13 -5.61
N ALA A 51 1.94 4.49 -6.49
CA ALA A 51 3.40 4.46 -6.38
C ALA A 51 3.95 5.74 -6.99
N ASP A 53 6.03 9.43 -6.23
CA ASP A 53 6.93 10.10 -5.29
C ASP A 53 6.34 11.27 -4.52
N THR A 54 5.09 11.63 -4.82
CA THR A 54 4.41 12.72 -4.11
C THR A 54 3.22 12.17 -3.33
N VAL A 55 3.09 10.84 -3.31
CA VAL A 55 2.00 10.19 -2.59
C VAL A 55 2.43 9.07 -1.64
N THR A 56 3.21 8.10 -2.09
CA THR A 56 3.56 7.00 -1.21
C THR A 56 5.00 6.74 -0.81
N GLY A 57 5.32 7.10 0.42
CA GLY A 57 6.63 6.83 0.99
C GLY A 57 6.29 5.88 2.13
N SER A 58 7.23 5.60 3.03
CA SER A 58 6.97 4.70 4.16
C SER A 58 5.85 5.17 5.11
N LYS A 59 5.78 6.48 5.38
CA LYS A 59 4.73 7.03 6.24
C LYS A 59 3.32 6.74 5.69
N ALA A 61 2.59 4.40 3.37
CA ALA A 61 2.44 2.95 3.31
C ALA A 61 2.06 2.42 4.68
N ILE A 62 2.57 3.07 5.72
CA ILE A 62 2.26 2.68 7.08
C ILE A 62 0.83 3.05 7.47
N ALA A 63 0.41 4.27 7.14
CA ALA A 63 -0.94 4.76 7.44
C ALA A 63 -2.04 3.99 6.69
N ILE A 64 -1.83 3.73 5.41
CA ILE A 64 -2.85 3.01 4.65
C ILE A 64 -2.95 1.54 5.08
N ALA A 65 -1.84 0.97 5.52
CA ALA A 65 -1.85 -0.42 5.96
C ALA A 65 -2.59 -0.50 7.31
N ARG A 66 -2.31 0.46 8.20
CA ARG A 66 -2.98 0.47 9.50
C ARG A 66 -4.49 0.58 9.33
N ALA A 67 -4.91 1.23 8.25
CA ALA A 67 -6.33 1.40 7.98
C ALA A 67 -6.91 0.15 7.31
N GLY A 68 -6.05 -0.77 6.92
CA GLY A 68 -6.53 -1.99 6.29
C GLY A 68 -6.21 -2.07 4.82
N GLY A 69 -5.52 -1.07 4.30
CA GLY A 69 -5.19 -1.05 2.88
C GLY A 69 -3.77 -1.48 2.55
N LEU A 70 -3.31 -1.08 1.37
CA LEU A 70 -1.98 -1.42 0.90
C LEU A 70 -1.29 -0.21 0.29
N GLY A 71 -0.04 0.00 0.65
CA GLY A 71 0.71 1.11 0.10
C GLY A 71 1.78 0.58 -0.86
N VAL A 72 1.96 1.25 -2.00
CA VAL A 72 2.95 0.85 -2.98
C VAL A 72 4.07 1.90 -3.00
N ILE A 73 5.22 1.55 -2.42
CA ILE A 73 6.36 2.46 -2.37
C ILE A 73 6.89 2.68 -3.77
N HIS A 74 6.99 3.95 -4.12
CA HIS A 74 7.46 4.36 -5.43
C HIS A 74 8.94 4.05 -5.65
N LYS A 75 9.31 3.92 -6.92
CA LYS A 75 10.69 3.58 -7.31
C LYS A 75 11.54 4.76 -7.80
N ASN A 76 11.10 5.98 -7.52
CA ASN A 76 11.83 7.16 -7.96
C ASN A 76 12.93 7.45 -6.94
N SER A 78 16.94 5.39 -5.25
CA SER A 78 17.86 4.27 -5.41
C SER A 78 17.26 2.98 -4.87
N ILE A 79 17.76 1.83 -5.34
CA ILE A 79 17.30 0.53 -4.90
C ILE A 79 17.49 0.42 -3.38
N THR A 80 18.62 0.93 -2.90
CA THR A 80 18.93 0.90 -1.48
C THR A 80 17.93 1.76 -0.70
N GLU A 81 17.62 2.96 -1.21
CA GLU A 81 16.69 3.87 -0.55
C GLU A 81 15.27 3.31 -0.54
N GLN A 82 14.87 2.67 -1.64
CA GLN A 82 13.54 2.10 -1.72
C GLN A 82 13.39 0.91 -0.78
N ALA A 83 14.44 0.09 -0.68
CA ALA A 83 14.43 -1.08 0.19
C ALA A 83 14.33 -0.69 1.67
N GLU A 84 15.05 0.36 2.05
CA GLU A 84 15.03 0.85 3.43
C GLU A 84 13.68 1.45 3.75
N GLU A 85 13.06 2.06 2.74
CA GLU A 85 11.74 2.66 2.87
C GLU A 85 10.79 1.49 3.21
N VAL A 86 10.97 0.38 2.50
CA VAL A 86 10.17 -0.82 2.69
C VAL A 86 10.42 -1.43 4.08
N ARG A 87 11.68 -1.49 4.49
CA ARG A 87 11.97 -2.04 5.80
C ARG A 87 11.25 -1.24 6.86
N LYS A 88 11.22 0.09 6.72
CA LYS A 88 10.55 0.92 7.70
C LYS A 88 9.11 0.50 7.91
N VAL A 89 8.44 0.09 6.83
CA VAL A 89 7.05 -0.31 6.98
C VAL A 89 6.97 -1.63 7.73
N LYS A 90 7.89 -2.55 7.45
CA LYS A 90 7.87 -3.85 8.11
C LYS A 90 8.25 -3.71 9.60
N ARG A 91 9.13 -2.76 9.90
CA ARG A 91 9.58 -2.54 11.27
C ARG A 91 8.58 -1.75 12.10
N SER A 92 7.56 -1.21 11.47
CA SER A 92 6.57 -0.41 12.18
C SER A 92 5.90 -1.17 13.34
N GLU A 93 5.19 -2.25 13.02
CA GLU A 93 4.51 -3.05 14.03
C GLU A 93 5.10 -4.45 14.06
N ASN A 94 5.35 -4.96 15.27
CA ASN A 94 5.97 -6.26 15.42
C ASN A 94 7.26 -6.18 14.62
N GLY A 95 7.86 -4.99 14.67
CA GLY A 95 9.08 -4.71 13.94
C GLY A 95 10.21 -5.69 14.10
N VAL A 96 10.33 -6.27 15.28
CA VAL A 96 11.40 -7.23 15.53
C VAL A 96 10.86 -8.58 16.01
N ILE A 97 9.60 -8.85 15.71
CA ILE A 97 8.97 -10.13 16.07
C ILE A 97 9.85 -11.25 15.50
N ILE A 98 10.58 -10.93 14.44
CA ILE A 98 11.52 -11.86 13.80
C ILE A 98 12.64 -10.98 13.27
N ASP A 99 13.82 -11.54 13.03
CA ASP A 99 14.95 -10.75 12.54
C ASP A 99 15.16 -9.53 13.43
N PRO A 100 15.32 -9.76 14.74
CA PRO A 100 15.53 -8.68 15.70
C PRO A 100 16.90 -8.00 15.60
N PHE A 101 17.04 -6.83 16.21
CA PHE A 101 18.32 -6.14 16.22
C PHE A 101 19.01 -6.67 17.46
N PHE A 102 20.32 -6.71 17.45
CA PHE A 102 21.06 -7.20 18.61
C PHE A 102 22.54 -6.87 18.51
N LEU A 103 23.20 -6.83 19.66
CA LEU A 103 24.63 -6.54 19.71
C LEU A 103 25.23 -7.50 20.72
N THR A 104 26.56 -7.55 20.78
CA THR A 104 27.25 -8.45 21.69
C THR A 104 27.78 -7.66 22.88
N PRO A 105 28.26 -8.35 23.92
CA PRO A 105 28.80 -7.65 25.09
C PRO A 105 30.05 -6.89 24.64
N GLU A 106 30.73 -7.48 23.66
CA GLU A 106 31.95 -6.93 23.10
C GLU A 106 31.74 -5.49 22.64
N HIS A 107 30.71 -5.27 21.81
CA HIS A 107 30.39 -3.94 21.29
C HIS A 107 30.44 -2.85 22.34
N LYS A 108 30.55 -1.62 21.88
CA LYS A 108 30.61 -0.48 22.78
C LYS A 108 29.23 0.16 22.90
N VAL A 109 28.87 0.58 24.10
CA VAL A 109 27.57 1.22 24.32
C VAL A 109 27.28 2.25 23.23
N SER A 110 28.33 2.83 22.66
CA SER A 110 28.20 3.82 21.60
C SER A 110 27.48 3.23 20.41
N GLU A 111 27.88 2.03 20.01
CA GLU A 111 27.28 1.36 18.87
C GLU A 111 25.82 1.05 19.17
N ALA A 112 25.52 0.84 20.46
CA ALA A 112 24.15 0.55 20.88
C ALA A 112 23.27 1.79 20.72
N GLU A 113 23.83 2.95 21.05
CA GLU A 113 23.10 4.20 20.91
C GLU A 113 22.99 4.52 19.41
N GLU A 114 23.95 4.03 18.62
CA GLU A 114 23.92 4.27 17.19
C GLU A 114 22.66 3.67 16.61
N LEU A 115 22.41 2.40 16.90
CA LEU A 115 21.22 1.74 16.37
C LEU A 115 19.94 2.06 17.12
N GLN A 117 19.18 5.02 17.99
CA GLN A 117 18.75 6.28 17.41
C GLN A 117 18.52 6.20 15.91
N ARG A 118 19.12 5.22 15.25
CA ARG A 118 18.94 5.05 13.82
C ARG A 118 17.56 4.43 13.58
N TYR A 119 17.23 3.38 14.33
CA TYR A 119 15.95 2.69 14.17
C TYR A 119 14.97 3.10 15.24
N ARG A 120 15.35 4.07 16.05
CA ARG A 120 14.51 4.57 17.13
C ARG A 120 13.91 3.43 17.95
N ILE A 121 14.65 2.99 18.96
CA ILE A 121 14.21 1.92 19.85
C ILE A 121 14.72 2.14 21.28
N SER A 122 13.88 1.75 22.24
CA SER A 122 14.17 1.89 23.67
C SER A 122 15.17 0.87 24.21
N GLY A 123 15.33 -0.25 23.51
CA GLY A 123 16.24 -1.27 23.96
C GLY A 123 16.89 -2.08 22.84
N VAL A 124 18.04 -2.66 23.15
CA VAL A 124 18.80 -3.47 22.21
C VAL A 124 19.13 -4.84 22.81
N PRO A 125 18.51 -5.92 22.29
CA PRO A 125 18.79 -7.25 22.81
C PRO A 125 20.30 -7.48 22.70
N ILE A 126 20.89 -8.07 23.72
CA ILE A 126 22.32 -8.33 23.71
C ILE A 126 22.58 -9.83 23.75
N VAL A 127 23.31 -10.31 22.75
CA VAL A 127 23.61 -11.74 22.65
C VAL A 127 25.10 -12.00 22.83
N GLU A 128 25.42 -13.21 23.27
CA GLU A 128 26.80 -13.58 23.51
C GLU A 128 27.64 -13.40 22.24
N THR A 129 27.20 -14.01 21.14
CA THR A 129 27.88 -13.91 19.86
C THR A 129 26.87 -13.60 18.76
N LEU A 130 27.22 -12.70 17.84
CA LEU A 130 26.31 -12.37 16.75
C LEU A 130 25.86 -13.65 16.02
N ALA A 131 26.74 -14.64 15.96
CA ALA A 131 26.46 -15.90 15.28
C ALA A 131 25.67 -16.88 16.15
N ASN A 132 25.91 -16.84 17.47
CA ASN A 132 25.22 -17.73 18.40
C ASN A 132 23.83 -17.23 18.76
N ARG A 133 23.70 -15.91 18.86
CA ARG A 133 22.42 -15.27 19.20
C ARG A 133 21.82 -15.72 20.53
N LYS A 134 22.67 -16.17 21.44
CA LYS A 134 22.21 -16.61 22.75
C LYS A 134 21.97 -15.32 23.55
N LEU A 135 20.74 -15.10 23.98
CA LEU A 135 20.41 -13.89 24.70
C LEU A 135 21.16 -13.84 26.03
N VAL A 136 21.89 -12.76 26.27
CA VAL A 136 22.60 -12.64 27.53
C VAL A 136 22.03 -11.44 28.29
N GLY A 137 21.34 -10.57 27.58
CA GLY A 137 20.76 -9.41 28.20
C GLY A 137 20.15 -8.41 27.24
N ILE A 138 19.92 -7.20 27.72
CA ILE A 138 19.34 -6.17 26.87
C ILE A 138 19.67 -4.79 27.43
N ILE A 139 20.14 -3.90 26.56
CA ILE A 139 20.47 -2.55 27.01
C ILE A 139 19.28 -1.64 26.71
N THR A 140 18.94 -0.77 27.66
CA THR A 140 17.81 0.15 27.49
C THR A 140 18.16 1.61 27.78
N ASN A 141 17.23 2.50 27.41
CA ASN A 141 17.39 3.94 27.63
C ASN A 141 17.89 4.21 29.04
N ARG A 142 17.17 3.65 30.02
CA ARG A 142 17.54 3.81 31.41
C ARG A 142 19.03 3.51 31.55
N ASP A 143 19.49 2.48 30.85
CA ASP A 143 20.88 2.08 30.90
C ASP A 143 21.76 3.16 30.27
N ARG A 145 21.21 6.39 30.04
CA ARG A 145 21.24 7.61 30.85
C ARG A 145 22.12 7.46 32.09
N PHE A 146 22.23 6.23 32.59
CA PHE A 146 23.06 5.95 33.75
C PHE A 146 24.52 5.98 33.32
N ILE A 147 24.75 5.56 32.08
CA ILE A 147 26.09 5.49 31.50
C ILE A 147 26.69 6.86 31.17
N SER A 148 27.92 7.08 31.63
CA SER A 148 28.63 8.32 31.41
C SER A 148 29.42 8.31 30.11
N ASP A 149 30.39 7.39 30.01
CA ASP A 149 31.21 7.29 28.80
C ASP A 149 30.82 6.14 27.88
N TYR A 150 30.32 6.50 26.69
CA TYR A 150 29.88 5.54 25.69
C TYR A 150 30.99 4.76 24.99
N ASN A 151 32.23 5.24 25.10
CA ASN A 151 33.35 4.57 24.45
C ASN A 151 33.80 3.40 25.33
N ALA A 152 32.87 2.53 25.67
CA ALA A 152 33.15 1.37 26.51
C ALA A 152 32.26 0.18 26.14
N PRO A 153 32.76 -1.06 26.36
CA PRO A 153 32.01 -2.28 26.04
C PRO A 153 30.64 -2.24 26.72
N ILE A 154 29.60 -2.48 25.92
CA ILE A 154 28.23 -2.46 26.42
C ILE A 154 28.06 -3.42 27.59
N SER A 155 29.11 -4.18 27.87
CA SER A 155 29.11 -5.15 28.96
C SER A 155 29.21 -4.46 30.32
N GLU A 156 30.32 -3.72 30.51
CA GLU A 156 30.59 -2.99 31.74
C GLU A 156 29.35 -2.32 32.31
N HIS A 157 28.49 -1.84 31.42
CA HIS A 157 27.25 -1.17 31.81
C HIS A 157 26.16 -2.08 31.28
N THR A 159 22.70 -5.25 31.95
CA THR A 159 21.47 -5.73 32.52
C THR A 159 21.50 -7.26 32.62
N SER A 160 22.40 -7.80 33.43
CA SER A 160 22.49 -9.24 33.62
C SER A 160 21.57 -9.59 34.79
N GLU A 161 20.31 -9.28 34.62
CA GLU A 161 19.28 -9.52 35.63
C GLU A 161 18.71 -10.90 35.30
N HIS A 162 17.59 -11.22 35.91
CA HIS A 162 16.97 -12.51 35.66
C HIS A 162 16.13 -12.32 34.40
N LEU A 163 16.65 -12.78 33.28
CA LEU A 163 15.97 -12.62 32.00
C LEU A 163 14.60 -13.28 31.95
N VAL A 164 13.60 -12.51 31.54
CA VAL A 164 12.24 -13.01 31.41
C VAL A 164 12.00 -13.18 29.91
N THR A 165 11.65 -14.38 29.48
CA THR A 165 11.45 -14.65 28.06
C THR A 165 10.25 -15.52 27.79
N ALA A 166 9.97 -15.70 26.51
CA ALA A 166 8.86 -16.53 26.04
C ALA A 166 9.38 -17.38 24.88
N ALA A 167 8.76 -18.53 24.67
CA ALA A 167 9.17 -19.42 23.59
C ALA A 167 8.86 -18.82 22.23
N VAL A 168 9.59 -19.25 21.21
CA VAL A 168 9.35 -18.77 19.86
C VAL A 168 7.91 -19.12 19.50
N GLY A 169 7.20 -18.19 18.88
CA GLY A 169 5.82 -18.45 18.50
C GLY A 169 4.72 -18.03 19.47
N THR A 170 5.07 -17.48 20.63
CA THR A 170 4.03 -17.07 21.57
C THR A 170 3.37 -15.86 20.90
N ASP A 171 2.04 -15.81 20.94
CA ASP A 171 1.30 -14.72 20.31
C ASP A 171 1.23 -13.49 21.21
N LEU A 172 0.67 -12.41 20.67
CA LEU A 172 0.56 -11.17 21.42
C LEU A 172 -0.30 -11.29 22.67
N GLU A 173 -1.33 -12.13 22.59
CA GLU A 173 -2.23 -12.33 23.71
C GLU A 173 -1.52 -12.92 24.93
N THR A 174 -0.65 -13.89 24.70
CA THR A 174 0.07 -14.51 25.82
C THR A 174 1.25 -13.65 26.30
N ALA A 175 1.89 -12.97 25.35
CA ALA A 175 3.02 -12.08 25.65
C ALA A 175 2.54 -10.94 26.55
N GLU A 176 1.37 -10.38 26.21
CA GLU A 176 0.78 -9.30 26.99
C GLU A 176 0.62 -9.75 28.42
N ARG A 177 0.20 -11.00 28.57
CA ARG A 177 -0.01 -11.61 29.88
C ARG A 177 1.32 -11.72 30.62
N ILE A 178 2.36 -12.17 29.91
CA ILE A 178 3.67 -12.33 30.54
C ILE A 178 4.24 -10.94 30.88
N LEU A 179 4.12 -10.00 29.96
CA LEU A 179 4.63 -8.65 30.20
C LEU A 179 3.95 -8.00 31.39
N HIS A 180 2.67 -8.27 31.57
CA HIS A 180 1.92 -7.70 32.68
C HIS A 180 2.29 -8.29 34.05
N GLU A 181 2.53 -9.60 34.10
CA GLU A 181 2.88 -10.24 35.35
C GLU A 181 4.27 -9.85 35.84
N HIS A 182 5.13 -9.44 34.92
CA HIS A 182 6.51 -9.09 35.27
C HIS A 182 6.77 -7.59 35.20
N ARG A 183 5.70 -6.83 35.03
CA ARG A 183 5.80 -5.37 34.95
C ARG A 183 6.94 -4.97 34.02
N ILE A 184 6.94 -5.52 32.81
CA ILE A 184 7.96 -5.19 31.83
C ILE A 184 7.36 -4.75 30.49
N GLU A 185 8.16 -4.11 29.66
CA GLU A 185 7.67 -3.62 28.37
C GLU A 185 8.18 -4.39 27.15
N LYS A 186 9.34 -5.05 27.28
CA LYS A 186 9.91 -5.84 26.19
C LYS A 186 10.02 -7.31 26.58
N LEU A 187 9.55 -8.21 25.71
CA LEU A 187 9.61 -9.63 26.01
C LEU A 187 10.37 -10.39 24.94
N PRO A 188 11.65 -10.72 25.20
CA PRO A 188 12.47 -11.45 24.23
C PRO A 188 11.93 -12.85 23.99
N LEU A 189 11.98 -13.30 22.73
CA LEU A 189 11.53 -14.63 22.36
C LEU A 189 12.77 -15.43 22.03
N VAL A 190 12.94 -16.56 22.70
CA VAL A 190 14.12 -17.39 22.50
C VAL A 190 13.70 -18.84 22.30
N ASP A 191 14.55 -19.64 21.66
CA ASP A 191 14.21 -21.05 21.50
C ASP A 191 14.66 -21.81 22.74
N ASN A 192 14.40 -23.11 22.72
CA ASN A 192 14.74 -23.97 23.85
C ASN A 192 16.22 -23.99 24.21
N SER A 193 17.03 -23.33 23.39
CA SER A 193 18.46 -23.26 23.63
C SER A 193 18.89 -21.86 24.04
N GLY A 194 17.93 -20.97 24.29
CA GLY A 194 18.28 -19.60 24.68
C GLY A 194 18.70 -18.71 23.52
N ARG A 195 18.46 -19.15 22.30
CA ARG A 195 18.80 -18.38 21.12
C ARG A 195 17.69 -17.37 20.83
N LEU A 196 18.08 -16.11 20.66
CA LEU A 196 17.13 -15.03 20.38
C LEU A 196 16.51 -15.11 18.98
N SER A 197 15.19 -15.19 18.92
CA SER A 197 14.49 -15.26 17.63
C SER A 197 13.76 -13.97 17.30
N GLY A 198 13.45 -13.19 18.32
CA GLY A 198 12.74 -11.94 18.10
C GLY A 198 12.31 -11.32 19.42
N LEU A 199 11.50 -10.28 19.35
CA LEU A 199 11.05 -9.58 20.54
C LEU A 199 9.67 -8.94 20.40
N ILE A 200 8.86 -9.09 21.44
CA ILE A 200 7.51 -8.52 21.48
C ILE A 200 7.49 -7.38 22.50
N THR A 201 6.83 -6.28 22.16
CA THR A 201 6.77 -5.10 23.02
C THR A 201 5.35 -4.73 23.43
N ILE A 202 5.24 -3.90 24.46
CA ILE A 202 3.95 -3.46 24.95
C ILE A 202 3.29 -2.62 23.85
N LYS A 203 4.05 -1.79 23.17
CA LYS A 203 3.52 -0.96 22.09
C LYS A 203 2.87 -1.81 21.01
N ASP A 204 3.53 -2.88 20.58
CA ASP A 204 2.98 -3.78 19.57
C ASP A 204 1.57 -4.18 19.95
N ILE A 205 1.40 -4.50 21.23
CA ILE A 205 0.11 -4.91 21.75
C ILE A 205 -0.86 -3.74 21.71
N GLU A 206 -0.36 -2.55 21.97
CA GLU A 206 -1.18 -1.35 21.97
C GLU A 206 -1.57 -0.95 20.56
N LYS A 207 -0.67 -1.16 19.59
CA LYS A 207 -0.97 -0.82 18.21
C LYS A 207 -2.03 -1.72 17.63
N VAL A 208 -2.13 -2.93 18.17
CA VAL A 208 -3.15 -3.87 17.71
C VAL A 208 -4.51 -3.28 18.14
N ILE A 209 -4.52 -2.62 19.30
CA ILE A 209 -5.73 -1.99 19.80
C ILE A 209 -6.06 -0.75 18.99
N GLU A 210 -5.08 0.13 18.86
CA GLU A 210 -5.22 1.39 18.12
C GLU A 210 -5.66 1.24 16.66
N PHE A 211 -5.15 0.21 15.96
CA PHE A 211 -5.53 -0.01 14.56
C PHE A 211 -5.98 -1.45 14.36
N PRO A 212 -7.19 -1.78 14.83
CA PRO A 212 -7.78 -3.11 14.73
C PRO A 212 -7.94 -3.72 13.34
N HIS A 213 -8.05 -2.89 12.29
CA HIS A 213 -8.26 -3.43 10.96
C HIS A 213 -7.03 -3.39 10.06
N ALA A 214 -5.86 -3.20 10.66
CA ALA A 214 -4.62 -3.12 9.90
C ALA A 214 -4.43 -4.38 9.05
N ALA A 215 -3.92 -4.18 7.84
CA ALA A 215 -3.66 -5.30 6.93
C ALA A 215 -2.24 -5.73 7.26
N LYS A 216 -2.09 -6.95 7.76
CA LYS A 216 -0.78 -7.45 8.17
C LYS A 216 -0.43 -8.82 7.61
N ASP A 217 0.85 -9.17 7.70
CA ASP A 217 1.30 -10.47 7.22
C ASP A 217 1.19 -11.50 8.33
N GLU A 218 1.73 -12.67 8.06
CA GLU A 218 1.70 -13.79 8.99
C GLU A 218 2.34 -13.48 10.34
N PHE A 219 3.23 -12.50 10.38
CA PHE A 219 3.92 -12.13 11.61
C PHE A 219 3.29 -10.95 12.32
N GLY A 220 2.16 -10.46 11.80
CA GLY A 220 1.50 -9.33 12.39
C GLY A 220 2.18 -8.01 12.05
N ARG A 221 2.91 -8.00 10.94
CA ARG A 221 3.59 -6.80 10.47
C ARG A 221 2.76 -6.26 9.32
N LEU A 222 2.67 -4.94 9.21
CA LEU A 222 1.90 -4.29 8.15
C LEU A 222 2.35 -4.76 6.77
N LEU A 223 1.41 -4.86 5.84
CA LEU A 223 1.72 -5.28 4.48
C LEU A 223 2.30 -4.11 3.73
N VAL A 224 3.05 -4.39 2.68
CA VAL A 224 3.61 -3.33 1.87
C VAL A 224 4.01 -3.88 0.51
N ALA A 225 3.83 -3.03 -0.51
CA ALA A 225 4.19 -3.39 -1.87
C ALA A 225 5.17 -2.31 -2.33
N ALA A 226 5.93 -2.62 -3.37
CA ALA A 226 6.90 -1.68 -3.89
C ALA A 226 6.90 -1.82 -5.41
N ALA A 227 7.18 -0.72 -6.09
CA ALA A 227 7.19 -0.73 -7.55
C ALA A 227 8.59 -0.80 -8.13
N VAL A 228 8.65 -1.36 -9.33
CA VAL A 228 9.89 -1.48 -10.09
C VAL A 228 9.45 -1.36 -11.54
N GLY A 229 10.38 -1.02 -12.43
CA GLY A 229 10.02 -0.91 -13.83
C GLY A 229 10.57 -2.10 -14.59
N VAL A 230 10.67 -1.94 -15.91
CA VAL A 230 11.23 -3.00 -16.73
C VAL A 230 12.52 -2.44 -17.34
N THR A 231 13.61 -2.59 -16.60
CA THR A 231 14.92 -2.10 -17.00
C THR A 231 15.96 -3.17 -16.69
N SER A 232 17.23 -2.81 -16.75
CA SER A 232 18.29 -3.77 -16.49
C SER A 232 18.53 -4.02 -15.00
N ASP A 233 18.10 -3.07 -14.17
CA ASP A 233 18.28 -3.20 -12.73
C ASP A 233 17.03 -3.68 -12.02
N THR A 234 16.06 -4.17 -12.79
CA THR A 234 14.80 -4.66 -12.21
C THR A 234 14.98 -5.82 -11.23
N PHE A 235 15.60 -6.90 -11.68
CA PHE A 235 15.84 -8.04 -10.80
C PHE A 235 16.51 -7.61 -9.51
N GLU A 236 17.63 -6.91 -9.66
CA GLU A 236 18.40 -6.42 -8.54
C GLU A 236 17.47 -5.68 -7.59
N ARG A 237 16.61 -4.84 -8.17
CA ARG A 237 15.65 -4.04 -7.42
C ARG A 237 14.59 -4.90 -6.75
N ALA A 238 13.97 -5.78 -7.52
CA ALA A 238 12.92 -6.67 -7.03
C ALA A 238 13.44 -7.55 -5.88
N GLU A 239 14.65 -8.09 -6.04
CA GLU A 239 15.21 -8.94 -5.00
C GLU A 239 15.60 -8.15 -3.75
N ALA A 240 15.91 -6.88 -3.92
CA ALA A 240 16.28 -6.03 -2.78
C ALA A 240 15.00 -5.72 -2.00
N LEU A 241 13.92 -5.47 -2.73
CA LEU A 241 12.62 -5.18 -2.13
C LEU A 241 12.05 -6.39 -1.39
N PHE A 242 12.03 -7.55 -2.05
CA PHE A 242 11.52 -8.75 -1.38
C PHE A 242 12.33 -9.05 -0.14
N GLU A 243 13.65 -8.90 -0.24
CA GLU A 243 14.55 -9.16 0.87
C GLU A 243 14.33 -8.18 2.01
N ALA A 244 13.73 -7.03 1.71
CA ALA A 244 13.47 -6.04 2.74
C ALA A 244 12.14 -6.36 3.40
N GLY A 245 11.37 -7.25 2.77
CA GLY A 245 10.10 -7.64 3.33
C GLY A 245 8.86 -7.45 2.47
N ALA A 246 9.02 -6.86 1.28
CA ALA A 246 7.87 -6.63 0.42
C ALA A 246 6.99 -7.87 0.28
N ASP A 247 5.69 -7.68 0.41
CA ASP A 247 4.72 -8.76 0.31
C ASP A 247 4.28 -8.94 -1.14
N ALA A 248 4.65 -7.98 -1.97
CA ALA A 248 4.33 -8.01 -3.39
C ALA A 248 5.11 -6.90 -4.10
N ILE A 249 5.37 -7.07 -5.38
CA ILE A 249 6.06 -6.03 -6.13
C ILE A 249 5.12 -5.62 -7.24
N VAL A 250 5.22 -4.35 -7.64
CA VAL A 250 4.38 -3.83 -8.71
C VAL A 250 5.25 -3.40 -9.89
N ILE A 251 5.11 -4.14 -10.98
CA ILE A 251 5.83 -3.86 -12.21
C ILE A 251 4.98 -2.78 -12.87
N ASP A 252 5.39 -1.53 -12.67
CA ASP A 252 4.66 -0.37 -13.15
C ASP A 252 5.18 0.04 -14.52
N THR A 253 4.30 0.01 -15.51
CA THR A 253 4.65 0.37 -16.88
C THR A 253 3.60 1.28 -17.51
N ALA A 254 4.01 2.06 -18.50
CA ALA A 254 3.08 2.95 -19.19
C ALA A 254 2.21 2.10 -20.11
N HIS A 255 2.85 1.16 -20.81
CA HIS A 255 2.13 0.29 -21.72
C HIS A 255 2.46 -1.15 -21.35
N GLY A 256 1.59 -1.79 -20.57
CA GLY A 256 1.83 -3.15 -20.14
C GLY A 256 1.57 -4.20 -21.22
N HIS A 257 1.02 -3.77 -22.35
CA HIS A 257 0.74 -4.72 -23.42
C HIS A 257 1.93 -4.70 -24.38
N SER A 258 3.11 -4.38 -23.88
CA SER A 258 4.32 -4.34 -24.70
C SER A 258 5.06 -5.67 -24.66
N ALA A 259 5.58 -6.08 -25.81
CA ALA A 259 6.32 -7.33 -25.91
C ALA A 259 7.45 -7.35 -24.89
N GLY A 260 8.19 -6.24 -24.81
CA GLY A 260 9.28 -6.14 -23.88
C GLY A 260 8.86 -6.31 -22.44
N VAL A 261 7.77 -5.66 -22.05
CA VAL A 261 7.28 -5.76 -20.68
C VAL A 261 6.90 -7.21 -20.38
N LEU A 262 6.19 -7.83 -21.32
CA LEU A 262 5.75 -9.21 -21.15
C LEU A 262 6.95 -10.14 -21.02
N ARG A 263 8.00 -9.81 -21.76
CA ARG A 263 9.22 -10.59 -21.75
C ARG A 263 9.85 -10.50 -20.36
N LYS A 264 10.05 -9.29 -19.88
CA LYS A 264 10.65 -9.08 -18.57
C LYS A 264 9.81 -9.66 -17.43
N ILE A 265 8.50 -9.55 -17.53
CA ILE A 265 7.62 -10.07 -16.49
C ILE A 265 7.74 -11.58 -16.37
N ALA A 266 7.79 -12.24 -17.52
CA ALA A 266 7.91 -13.70 -17.55
C ALA A 266 9.24 -14.08 -16.92
N GLU A 267 10.26 -13.29 -17.18
CA GLU A 267 11.58 -13.55 -16.63
C GLU A 267 11.56 -13.30 -15.13
N ILE A 268 10.79 -12.30 -14.70
CA ILE A 268 10.68 -11.98 -13.28
C ILE A 268 9.93 -13.11 -12.59
N ARG A 269 8.88 -13.61 -13.24
CA ARG A 269 8.09 -14.71 -12.68
C ARG A 269 8.90 -16.01 -12.64
N ALA A 270 9.60 -16.29 -13.74
CA ALA A 270 10.41 -17.49 -13.83
C ALA A 270 11.42 -17.49 -12.69
N HIS A 271 11.82 -16.31 -12.23
CA HIS A 271 12.77 -16.24 -11.14
C HIS A 271 12.07 -16.24 -9.77
N PHE A 272 10.88 -15.65 -9.69
CA PHE A 272 10.13 -15.63 -8.43
C PHE A 272 8.80 -16.36 -8.56
N PRO A 273 8.84 -17.69 -8.77
CA PRO A 273 7.66 -18.55 -8.91
C PRO A 273 6.61 -18.54 -7.80
N ASN A 274 6.98 -18.15 -6.59
CA ASN A 274 6.03 -18.15 -5.47
C ASN A 274 5.46 -16.76 -5.18
N ARG A 275 6.31 -15.74 -5.32
CA ARG A 275 5.95 -14.35 -5.05
C ARG A 275 4.68 -13.86 -5.74
N THR A 276 4.08 -12.81 -5.17
CA THR A 276 2.88 -12.19 -5.72
C THR A 276 3.29 -11.08 -6.66
N LEU A 277 2.88 -11.18 -7.93
CA LEU A 277 3.24 -10.17 -8.90
C LEU A 277 2.03 -9.36 -9.37
N ILE A 278 2.18 -8.03 -9.33
CA ILE A 278 1.14 -7.11 -9.75
C ILE A 278 1.81 -6.43 -10.95
N ALA A 279 1.09 -6.30 -12.06
CA ALA A 279 1.73 -5.72 -13.23
C ALA A 279 1.08 -4.52 -13.89
N GLY A 280 1.97 -3.77 -14.56
CA GLY A 280 1.68 -2.54 -15.32
C GLY A 280 0.27 -2.27 -15.76
N ASN A 281 0.08 -1.22 -16.54
CA ASN A 281 -1.28 -0.90 -16.95
C ASN A 281 -1.72 -1.27 -18.34
N ILE A 282 -2.95 -1.75 -18.41
CA ILE A 282 -3.58 -2.13 -19.66
C ILE A 282 -5.00 -1.60 -19.55
N ALA A 283 -5.72 -1.57 -20.67
CA ALA A 283 -7.08 -1.07 -20.65
C ALA A 283 -7.96 -1.92 -21.56
N THR A 284 -7.46 -3.10 -21.91
CA THR A 284 -8.21 -4.01 -22.77
C THR A 284 -8.22 -5.42 -22.21
N ALA A 285 -9.11 -6.25 -22.75
CA ALA A 285 -9.23 -7.65 -22.32
C ALA A 285 -7.97 -8.43 -22.72
N GLU A 286 -7.44 -8.16 -23.91
CA GLU A 286 -6.24 -8.86 -24.35
C GLU A 286 -5.00 -8.48 -23.57
N GLY A 287 -4.93 -7.23 -23.14
CA GLY A 287 -3.79 -6.79 -22.37
C GLY A 287 -3.78 -7.49 -21.03
N ALA A 288 -4.95 -7.66 -20.43
CA ALA A 288 -5.04 -8.34 -19.14
C ALA A 288 -4.66 -9.80 -19.34
N ARG A 289 -5.11 -10.36 -20.45
CA ARG A 289 -4.82 -11.75 -20.78
C ARG A 289 -3.32 -11.96 -21.02
N ALA A 290 -2.70 -11.02 -21.76
CA ALA A 290 -1.27 -11.13 -22.02
C ALA A 290 -0.50 -11.12 -20.72
N LEU A 291 -0.86 -10.22 -19.80
CA LEU A 291 -0.18 -10.12 -18.51
C LEU A 291 -0.43 -11.35 -17.64
N TYR A 292 -1.67 -11.82 -17.58
CA TYR A 292 -1.96 -13.01 -16.78
C TYR A 292 -1.15 -14.16 -17.36
N ASP A 293 -1.19 -14.32 -18.68
CA ASP A 293 -0.44 -15.37 -19.36
C ASP A 293 1.07 -15.24 -19.11
N ALA A 294 1.54 -14.05 -18.77
CA ALA A 294 2.96 -13.82 -18.51
C ALA A 294 3.29 -14.19 -17.08
N GLY A 295 2.27 -14.51 -16.29
CA GLY A 295 2.52 -14.90 -14.92
C GLY A 295 2.16 -13.91 -13.82
N VAL A 296 1.49 -12.82 -14.17
CA VAL A 296 1.13 -11.85 -13.14
C VAL A 296 -0.07 -12.36 -12.31
N ASP A 297 -0.13 -11.94 -11.06
CA ASP A 297 -1.20 -12.34 -10.16
C ASP A 297 -2.33 -11.33 -10.17
N VAL A 298 -1.96 -10.05 -10.18
CA VAL A 298 -2.95 -8.96 -10.17
C VAL A 298 -2.61 -7.96 -11.29
N VAL A 299 -3.61 -7.64 -12.10
CA VAL A 299 -3.43 -6.70 -13.20
C VAL A 299 -4.06 -5.34 -12.87
N LYS A 300 -3.30 -4.26 -13.07
CA LYS A 300 -3.87 -2.95 -12.81
C LYS A 300 -4.33 -2.33 -14.12
N VAL A 301 -5.56 -1.84 -14.08
CA VAL A 301 -6.21 -1.26 -15.24
C VAL A 301 -6.20 0.25 -15.22
N GLY A 302 -5.87 0.84 -16.36
CA GLY A 302 -5.87 2.29 -16.47
C GLY A 302 -4.89 2.91 -17.44
N ILE A 303 -5.38 3.39 -18.58
CA ILE A 303 -4.53 4.07 -19.54
C ILE A 303 -5.10 5.48 -19.83
N GLY A 304 -4.53 6.49 -19.17
CA GLY A 304 -4.97 7.86 -19.40
C GLY A 304 -5.93 8.55 -18.43
N PRO A 305 -6.67 7.83 -17.57
CA PRO A 305 -7.62 8.49 -16.64
C PRO A 305 -7.02 9.33 -15.48
N GLY A 306 -5.71 9.24 -15.27
CA GLY A 306 -5.09 9.98 -14.17
C GLY A 306 -5.32 11.47 -14.15
N SER A 307 -5.57 12.02 -12.96
CA SER A 307 -5.80 13.46 -12.79
C SER A 307 -4.66 14.29 -13.37
N ILE A 308 -3.43 13.82 -13.19
CA ILE A 308 -2.24 14.48 -13.66
C ILE A 308 -1.71 13.86 -14.97
N CYS A 309 -2.49 12.95 -15.56
CA CYS A 309 -2.11 12.26 -16.79
C CYS A 309 -2.50 12.98 -18.08
N THR A 310 -1.55 13.05 -19.01
CA THR A 310 -1.76 13.69 -20.30
C THR A 310 -1.59 12.68 -21.45
N THR A 311 -1.55 11.40 -21.14
CA THR A 311 -1.40 10.39 -22.17
C THR A 311 -2.45 10.51 -23.27
N ARG A 312 -3.70 10.72 -22.89
CA ARG A 312 -4.74 10.82 -23.89
C ARG A 312 -4.64 12.06 -24.77
N VAL A 313 -4.03 13.10 -24.22
CA VAL A 313 -3.86 14.36 -24.93
C VAL A 313 -2.65 14.40 -25.84
N VAL A 314 -1.50 13.95 -25.32
CA VAL A 314 -0.27 13.98 -26.09
C VAL A 314 -0.03 12.79 -27.01
N ALA A 315 -0.56 11.62 -26.66
CA ALA A 315 -0.41 10.44 -27.48
C ALA A 315 -1.75 10.12 -28.15
N GLY A 316 -2.83 10.65 -27.59
CA GLY A 316 -4.15 10.43 -28.12
C GLY A 316 -4.66 9.03 -27.90
N VAL A 317 -4.09 8.34 -26.90
CA VAL A 317 -4.44 6.96 -26.58
C VAL A 317 -5.10 6.77 -25.22
N GLY A 318 -6.01 5.80 -25.14
CA GLY A 318 -6.68 5.49 -23.90
C GLY A 318 -8.09 4.93 -24.05
N VAL A 319 -8.72 4.61 -22.92
CA VAL A 319 -10.08 4.10 -22.96
C VAL A 319 -10.78 4.48 -21.67
N PRO A 320 -12.01 4.99 -21.78
CA PRO A 320 -12.79 5.39 -20.60
C PRO A 320 -12.68 4.30 -19.54
N GLN A 321 -12.27 4.69 -18.34
CA GLN A 321 -12.03 3.78 -17.23
C GLN A 321 -13.09 2.75 -16.84
N VAL A 322 -14.37 3.10 -16.77
CA VAL A 322 -15.36 2.08 -16.41
C VAL A 322 -15.39 0.95 -17.43
N THR A 323 -15.26 1.29 -18.70
CA THR A 323 -15.24 0.27 -19.76
C THR A 323 -13.97 -0.58 -19.68
N ALA A 324 -12.83 0.06 -19.44
CA ALA A 324 -11.56 -0.63 -19.34
C ALA A 324 -11.55 -1.68 -18.21
N ILE A 325 -11.99 -1.27 -17.03
CA ILE A 325 -12.07 -2.14 -15.84
C ILE A 325 -12.91 -3.36 -16.20
N TYR A 326 -14.09 -3.09 -16.72
CA TYR A 326 -15.04 -4.10 -17.13
C TYR A 326 -14.50 -5.07 -18.19
N ASP A 327 -13.93 -4.55 -19.25
CA ASP A 327 -13.38 -5.40 -20.30
C ASP A 327 -12.27 -6.29 -19.73
N ALA A 328 -11.47 -5.75 -18.82
CA ALA A 328 -10.37 -6.50 -18.23
C ALA A 328 -10.85 -7.49 -17.19
N ALA A 329 -11.85 -7.11 -16.42
CA ALA A 329 -12.40 -7.96 -15.37
C ALA A 329 -13.06 -9.20 -15.93
N ALA A 330 -13.42 -9.16 -17.21
CA ALA A 330 -14.04 -10.30 -17.86
C ALA A 330 -12.99 -11.40 -17.91
N VAL A 331 -11.75 -11.00 -18.14
CA VAL A 331 -10.63 -11.94 -18.21
C VAL A 331 -10.17 -12.35 -16.82
N ALA A 332 -10.18 -11.40 -15.89
CA ALA A 332 -9.77 -11.67 -14.52
C ALA A 332 -10.58 -12.82 -13.97
N ARG A 333 -11.86 -12.86 -14.30
CA ARG A 333 -12.70 -13.94 -13.80
C ARG A 333 -12.50 -15.23 -14.55
N GLU A 334 -12.14 -15.13 -15.83
CA GLU A 334 -11.89 -16.32 -16.62
C GLU A 334 -10.69 -17.03 -15.98
N TYR A 335 -9.69 -16.26 -15.60
CA TYR A 335 -8.49 -16.79 -14.97
C TYR A 335 -8.62 -16.93 -13.46
N GLY A 336 -9.74 -16.47 -12.93
CA GLY A 336 -9.92 -16.55 -11.50
C GLY A 336 -8.88 -15.71 -10.80
N LYS A 337 -8.49 -14.59 -11.41
CA LYS A 337 -7.52 -13.68 -10.83
C LYS A 337 -8.12 -12.30 -10.55
N THR A 338 -7.30 -11.38 -10.06
CA THR A 338 -7.80 -10.06 -9.71
C THR A 338 -7.32 -8.83 -10.48
N ILE A 339 -8.01 -7.72 -10.24
CA ILE A 339 -7.74 -6.45 -10.89
C ILE A 339 -7.79 -5.24 -9.95
N ILE A 340 -6.95 -4.26 -10.26
CA ILE A 340 -6.89 -3.03 -9.49
C ILE A 340 -7.30 -1.92 -10.46
N ALA A 341 -8.32 -1.15 -10.08
CA ALA A 341 -8.80 -0.03 -10.89
C ALA A 341 -7.87 1.14 -10.55
N ASP A 342 -7.05 1.53 -11.51
CA ASP A 342 -6.04 2.56 -11.32
C ASP A 342 -6.29 3.91 -11.98
N GLY A 343 -6.64 4.91 -11.18
CA GLY A 343 -6.85 6.25 -11.70
C GLY A 343 -8.23 6.78 -12.10
N GLY A 344 -8.32 8.10 -12.18
CA GLY A 344 -9.56 8.74 -12.58
C GLY A 344 -10.63 8.82 -11.51
N ILE A 345 -10.31 8.34 -10.31
CA ILE A 345 -11.27 8.38 -9.19
C ILE A 345 -11.16 9.67 -8.40
N LYS A 346 -12.24 10.43 -8.31
CA LYS A 346 -12.18 11.67 -7.56
C LYS A 346 -13.15 11.75 -6.40
N TYR A 347 -14.16 10.89 -6.41
CA TYR A 347 -15.15 10.87 -5.35
C TYR A 347 -15.31 9.45 -4.80
N SER A 348 -15.72 9.34 -3.54
CA SER A 348 -15.90 8.03 -2.95
C SER A 348 -16.90 7.23 -3.78
N GLY A 349 -17.86 7.91 -4.38
CA GLY A 349 -18.83 7.23 -5.21
C GLY A 349 -18.16 6.55 -6.40
N ASP A 350 -17.08 7.15 -6.89
CA ASP A 350 -16.33 6.60 -8.02
C ASP A 350 -15.68 5.27 -7.64
N ILE A 351 -15.31 5.14 -6.38
CA ILE A 351 -14.70 3.91 -5.90
C ILE A 351 -15.71 2.77 -6.02
N VAL A 352 -16.95 3.02 -5.62
CA VAL A 352 -17.98 1.99 -5.68
C VAL A 352 -18.29 1.59 -7.12
N LYS A 353 -18.25 2.56 -8.04
CA LYS A 353 -18.50 2.28 -9.44
C LYS A 353 -17.35 1.45 -10.00
N ALA A 354 -16.13 1.81 -9.65
CA ALA A 354 -14.93 1.09 -10.11
C ALA A 354 -14.96 -0.35 -9.60
N LEU A 355 -15.42 -0.54 -8.37
CA LEU A 355 -15.50 -1.88 -7.82
C LEU A 355 -16.65 -2.64 -8.48
N ALA A 356 -17.76 -1.95 -8.69
CA ALA A 356 -18.93 -2.57 -9.31
C ALA A 356 -18.70 -2.97 -10.77
N ALA A 357 -17.78 -2.29 -11.44
CA ALA A 357 -17.49 -2.61 -12.83
C ALA A 357 -16.53 -3.79 -12.93
N GLY A 358 -16.06 -4.29 -11.80
CA GLY A 358 -15.17 -5.43 -11.84
C GLY A 358 -13.87 -5.32 -11.08
N GLY A 359 -13.59 -4.15 -10.51
CA GLY A 359 -12.35 -4.00 -9.76
C GLY A 359 -12.40 -4.73 -8.43
N ASN A 360 -11.25 -5.23 -7.98
CA ASN A 360 -11.15 -5.93 -6.71
C ASN A 360 -10.56 -4.97 -5.68
N ALA A 361 -10.04 -3.86 -6.19
CA ALA A 361 -9.44 -2.81 -5.37
C ALA A 361 -9.19 -1.61 -6.29
N VAL A 362 -9.01 -0.44 -5.69
CA VAL A 362 -8.76 0.77 -6.48
C VAL A 362 -7.45 1.40 -6.00
N LEU A 364 -5.42 4.86 -5.54
CA LEU A 364 -5.68 6.28 -5.43
C LEU A 364 -4.42 7.12 -5.28
N GLY A 365 -4.31 8.17 -6.08
CA GLY A 365 -3.16 9.05 -6.01
C GLY A 365 -3.56 10.44 -5.56
N SER A 366 -4.34 11.11 -6.42
CA SER A 366 -4.85 12.45 -6.15
C SER A 366 -5.52 12.60 -4.77
N PHE A 368 -4.99 11.30 -1.98
CA PHE A 368 -4.09 11.27 -0.82
C PHE A 368 -2.96 12.28 -0.94
N ALA A 369 -2.76 12.78 -2.16
CA ALA A 369 -1.70 13.75 -2.51
C ALA A 369 -1.33 14.93 -1.60
N GLY A 370 -2.26 15.44 -0.81
CA GLY A 370 -1.92 16.57 0.05
C GLY A 370 -1.98 16.30 1.54
N THR A 371 -1.95 15.03 1.92
CA THR A 371 -2.03 14.65 3.32
C THR A 371 -0.72 14.82 4.10
N ASP A 372 -0.77 14.55 5.39
CA ASP A 372 0.40 14.66 6.25
C ASP A 372 1.48 13.70 5.72
N GLU A 373 1.07 12.46 5.48
CA GLU A 373 1.97 11.41 5.00
C GLU A 373 2.59 11.57 3.60
N ALA A 374 1.84 12.14 2.65
CA ALA A 374 2.36 12.30 1.28
C ALA A 374 3.66 13.12 1.19
N PRO A 375 4.68 12.59 0.51
CA PRO A 375 5.99 13.22 0.32
C PRO A 375 6.03 14.53 -0.50
N GLY A 376 4.90 14.93 -1.08
CA GLY A 376 4.85 16.15 -1.87
C GLY A 376 5.48 17.34 -1.16
N GLU A 377 5.88 18.35 -1.93
CA GLU A 377 6.51 19.56 -1.37
C GLU A 377 5.42 20.59 -1.06
N THR A 378 5.47 21.18 0.13
CA THR A 378 4.48 22.18 0.51
C THR A 378 4.69 23.54 -0.17
N GLU A 379 3.59 24.14 -0.61
CA GLU A 379 3.63 25.44 -1.25
C GLU A 379 2.51 26.29 -0.70
N ILE A 380 2.72 27.60 -0.71
CA ILE A 380 1.73 28.51 -0.20
C ILE A 380 1.33 29.54 -1.25
N TYR A 381 0.03 29.62 -1.51
CA TYR A 381 -0.52 30.54 -2.48
C TYR A 381 -1.82 31.07 -1.88
N GLN A 382 -1.94 32.40 -1.84
CA GLN A 382 -3.12 33.07 -1.28
C GLN A 382 -3.26 32.76 0.21
N GLY A 383 -2.15 32.37 0.84
CA GLY A 383 -2.18 32.08 2.25
C GLY A 383 -2.41 30.61 2.60
N ARG A 384 -3.12 29.89 1.73
CA ARG A 384 -3.40 28.48 1.97
C ARG A 384 -2.20 27.61 1.62
N LYS A 385 -2.11 26.46 2.28
CA LYS A 385 -1.01 25.53 2.03
C LYS A 385 -1.40 24.46 1.01
N TYR A 386 -0.46 24.16 0.12
CA TYR A 386 -0.67 23.14 -0.90
C TYR A 386 0.40 22.06 -0.81
N LYS A 387 0.18 21.00 -1.58
CA LYS A 387 1.11 19.89 -1.63
C LYS A 387 1.28 19.58 -3.09
N THR A 388 2.54 19.58 -3.55
CA THR A 388 2.82 19.30 -4.94
C THR A 388 2.33 17.89 -5.25
N TYR A 389 1.90 17.71 -6.48
CA TYR A 389 1.41 16.43 -6.95
C TYR A 389 1.80 16.39 -8.43
N ARG A 390 2.69 15.48 -8.80
CA ARG A 390 3.13 15.42 -10.18
C ARG A 390 3.06 14.00 -10.73
N GLY A 391 2.71 13.88 -12.02
CA GLY A 391 2.65 12.56 -12.63
C GLY A 391 4.07 12.04 -12.76
N GLY A 393 5.24 10.71 -15.12
CA GLY A 393 5.63 10.92 -16.49
C GLY A 393 5.89 12.37 -16.80
N SER A 394 5.80 13.22 -15.78
CA SER A 394 6.05 14.65 -15.96
C SER A 394 7.54 14.87 -16.13
N ILE A 395 7.92 16.10 -16.43
CA ILE A 395 9.33 16.44 -16.62
C ILE A 395 10.11 16.29 -15.30
N ALA A 396 9.72 17.06 -14.28
CA ALA A 396 10.38 17.03 -12.98
C ALA A 396 10.58 15.63 -12.45
N ALA A 397 9.54 14.79 -12.50
CA ALA A 397 9.65 13.42 -12.02
C ALA A 397 10.62 12.62 -12.88
N LYS A 399 13.02 13.55 -14.23
CA LYS A 399 14.34 14.17 -14.09
C LYS A 399 15.45 13.16 -13.78
N LYS A 400 16.52 13.65 -13.18
CA LYS A 400 17.68 12.83 -12.82
C LYS A 400 17.27 11.53 -12.11
N ASN A 415 14.78 21.18 -17.72
CA ASN A 415 14.59 20.82 -19.15
C ASN A 415 13.44 19.82 -19.31
N LYS A 416 12.70 19.96 -20.42
CA LYS A 416 11.57 19.07 -20.72
C LYS A 416 12.03 17.96 -21.66
N LEU A 417 11.59 16.72 -21.40
CA LEU A 417 11.97 15.55 -22.24
C LEU A 417 10.82 14.64 -22.71
N VAL A 418 9.79 15.25 -23.33
CA VAL A 418 8.56 14.58 -23.85
C VAL A 418 7.69 13.89 -22.78
N PRO A 419 7.02 14.68 -21.94
CA PRO A 419 6.14 14.25 -20.86
C PRO A 419 4.78 13.66 -21.28
N GLU A 420 4.29 12.75 -20.45
CA GLU A 420 3.00 12.09 -20.65
C GLU A 420 2.15 12.47 -19.44
N GLY A 421 2.65 13.40 -18.64
CA GLY A 421 1.95 13.84 -17.46
C GLY A 421 2.38 15.24 -17.05
N ILE A 422 1.66 15.84 -16.11
CA ILE A 422 1.98 17.19 -15.68
C ILE A 422 2.36 17.28 -14.19
N GLU A 423 2.86 18.45 -13.81
CA GLU A 423 3.28 18.73 -12.44
C GLU A 423 2.23 19.68 -11.85
N GLY A 424 1.74 19.36 -10.66
CA GLY A 424 0.75 20.23 -10.04
C GLY A 424 0.82 20.25 -8.53
N ARG A 425 -0.25 20.73 -7.90
CA ARG A 425 -0.32 20.79 -6.46
C ARG A 425 -1.76 20.69 -6.03
N VAL A 426 -1.97 20.25 -4.79
CA VAL A 426 -3.32 20.14 -4.25
C VAL A 426 -3.33 20.65 -2.81
N ALA A 427 -4.49 21.14 -2.38
CA ALA A 427 -4.65 21.66 -1.03
C ALA A 427 -4.25 20.66 0.06
N TYR A 428 -3.69 21.17 1.16
CA TYR A 428 -3.31 20.36 2.31
C TYR A 428 -4.57 19.67 2.84
N LYS A 429 -4.53 18.34 3.00
CA LYS A 429 -5.71 17.61 3.45
C LYS A 429 -5.68 17.07 4.88
N GLY A 430 -4.55 17.21 5.57
CA GLY A 430 -4.48 16.67 6.92
C GLY A 430 -4.19 15.19 6.90
N ALA A 431 -4.45 14.49 8.00
CA ALA A 431 -4.18 13.06 8.10
C ALA A 431 -4.89 12.19 7.07
N ALA A 432 -4.17 11.21 6.54
CA ALA A 432 -4.71 10.29 5.55
C ALA A 432 -5.78 9.41 6.16
N SER A 433 -5.67 9.12 7.45
CA SER A 433 -6.66 8.28 8.13
C SER A 433 -8.05 8.89 8.03
N ASP A 434 -8.12 10.22 8.00
CA ASP A 434 -9.40 10.92 7.88
C ASP A 434 -9.95 10.79 6.47
N ILE A 435 -9.07 10.92 5.48
CA ILE A 435 -9.46 10.79 4.08
C ILE A 435 -10.05 9.39 3.90
N VAL A 436 -9.31 8.39 4.37
CA VAL A 436 -9.75 7.01 4.25
C VAL A 436 -11.09 6.80 4.93
N PHE A 437 -11.28 7.37 6.12
CA PHE A 437 -12.53 7.22 6.84
C PHE A 437 -13.71 7.78 6.07
N GLN A 438 -13.50 8.90 5.38
CA GLN A 438 -14.57 9.50 4.60
C GLN A 438 -14.90 8.64 3.39
N LEU A 440 -14.48 5.28 3.06
CA LEU A 440 -15.10 4.00 3.43
C LEU A 440 -16.58 4.19 3.72
N GLY A 441 -16.94 5.31 4.33
CA GLY A 441 -18.34 5.56 4.62
C GLY A 441 -19.16 5.60 3.36
N GLY A 442 -18.61 6.22 2.32
CA GLY A 442 -19.31 6.32 1.05
C GLY A 442 -19.38 4.98 0.36
N ILE A 443 -18.33 4.19 0.53
CA ILE A 443 -18.26 2.85 -0.06
C ILE A 443 -19.31 1.96 0.62
N ARG A 444 -19.38 2.01 1.94
CA ARG A 444 -20.38 1.21 2.65
C ARG A 444 -21.80 1.65 2.31
N SER A 445 -22.03 2.95 2.13
CA SER A 445 -23.37 3.42 1.76
C SER A 445 -23.70 2.96 0.36
N GLY A 446 -22.74 3.09 -0.54
CA GLY A 446 -22.95 2.68 -1.90
C GLY A 446 -23.32 1.22 -1.99
N GLY A 448 -24.52 -0.53 0.39
CA GLY A 448 -25.79 -0.76 1.05
C GLY A 448 -26.95 -0.53 0.10
N TYR A 449 -26.87 0.52 -0.72
CA TYR A 449 -27.93 0.84 -1.67
C TYR A 449 -28.18 -0.24 -2.70
N VAL A 450 -27.15 -0.95 -3.13
CA VAL A 450 -27.33 -1.99 -4.14
C VAL A 450 -27.44 -3.37 -3.48
N GLY A 451 -27.39 -3.39 -2.15
CA GLY A 451 -27.50 -4.63 -1.41
C GLY A 451 -26.35 -5.60 -1.57
N ALA A 452 -25.14 -5.06 -1.69
CA ALA A 452 -23.95 -5.89 -1.84
C ALA A 452 -23.28 -6.07 -0.49
N GLY A 453 -23.33 -7.30 0.05
CA GLY A 453 -22.71 -7.57 1.34
C GLY A 453 -21.20 -7.65 1.27
N ASP A 454 -20.69 -7.93 0.08
CA ASP A 454 -19.25 -8.01 -0.16
C ASP A 454 -19.01 -7.64 -1.59
N ILE A 455 -17.75 -7.40 -1.96
CA ILE A 455 -17.41 -7.01 -3.32
C ILE A 455 -17.85 -8.03 -4.36
N GLN A 456 -17.86 -9.30 -4.00
CA GLN A 456 -18.27 -10.34 -4.93
C GLN A 456 -19.70 -10.09 -5.43
N GLU A 457 -20.60 -9.83 -4.49
CA GLU A 457 -22.00 -9.55 -4.81
C GLU A 457 -22.09 -8.30 -5.66
N LEU A 458 -21.14 -7.41 -5.44
CA LEU A 458 -21.09 -6.15 -6.17
C LEU A 458 -20.86 -6.46 -7.65
N HIS A 459 -19.90 -7.34 -7.95
CA HIS A 459 -19.63 -7.69 -9.34
C HIS A 459 -20.83 -8.40 -9.95
N GLU A 460 -21.38 -9.36 -9.22
CA GLU A 460 -22.53 -10.17 -9.67
C GLU A 460 -23.90 -9.50 -9.79
N ASN A 461 -24.24 -8.63 -8.84
CA ASN A 461 -25.55 -8.00 -8.81
C ASN A 461 -25.71 -6.53 -9.22
N ALA A 462 -24.72 -5.70 -8.92
CA ALA A 462 -24.80 -4.27 -9.25
C ALA A 462 -24.91 -3.99 -10.74
N GLN A 463 -25.79 -3.04 -11.08
CA GLN A 463 -26.01 -2.63 -12.46
C GLN A 463 -25.90 -1.10 -12.61
N PHE A 464 -25.55 -0.65 -13.81
CA PHE A 464 -25.42 0.77 -14.07
C PHE A 464 -26.52 1.29 -14.99
N VAL A 465 -26.88 2.56 -14.77
CA VAL A 465 -27.83 3.25 -15.62
C VAL A 465 -26.98 4.39 -16.17
N GLU A 466 -27.06 4.60 -17.47
CA GLU A 466 -26.27 5.63 -18.11
C GLU A 466 -26.91 7.00 -17.99
N SER A 468 -26.68 11.39 -18.95
CA SER A 468 -26.12 12.39 -19.86
C SER A 468 -25.46 13.49 -19.03
N GLY A 469 -24.94 14.50 -19.73
CA GLY A 469 -24.29 15.61 -19.05
C GLY A 469 -25.24 16.27 -18.06
N ALA A 470 -26.51 16.37 -18.46
CA ALA A 470 -27.54 16.97 -17.62
C ALA A 470 -27.77 16.11 -16.37
N GLY A 471 -27.83 14.80 -16.56
CA GLY A 471 -28.03 13.91 -15.43
C GLY A 471 -26.88 14.02 -14.43
N LEU A 472 -25.69 14.31 -14.96
CA LEU A 472 -24.51 14.47 -14.11
C LEU A 472 -24.77 15.72 -13.27
N ILE A 473 -25.31 16.76 -13.92
CA ILE A 473 -25.61 18.03 -13.24
C ILE A 473 -26.59 17.75 -12.10
N GLU A 474 -27.64 17.00 -12.41
CA GLU A 474 -28.64 16.64 -11.42
C GLU A 474 -28.03 15.85 -10.27
N SER A 475 -27.03 15.03 -10.58
CA SER A 475 -26.39 14.19 -9.57
C SER A 475 -25.59 14.97 -8.53
N HIS A 476 -25.03 16.09 -8.94
CA HIS A 476 -24.26 16.94 -8.03
C HIS A 476 -25.16 17.99 -7.41
N PRO A 477 -24.76 18.54 -6.26
CA PRO A 477 -25.59 19.57 -5.64
C PRO A 477 -25.72 20.69 -6.67
N HIS A 478 -26.87 21.36 -6.69
CA HIS A 478 -27.08 22.43 -7.65
C HIS A 478 -28.07 23.47 -7.14
N ASP A 479 -28.02 24.64 -7.75
CA ASP A 479 -28.89 25.76 -7.44
C ASP A 479 -28.88 26.12 -5.96
N VAL A 480 -27.70 26.11 -5.38
CA VAL A 480 -27.55 26.45 -3.97
C VAL A 480 -26.13 26.93 -3.70
N GLN A 481 -26.01 28.02 -2.94
CA GLN A 481 -24.73 28.59 -2.61
C GLN A 481 -24.13 27.87 -1.42
N ILE A 482 -22.97 27.26 -1.61
CA ILE A 482 -22.30 26.52 -0.55
C ILE A 482 -21.03 27.27 -0.12
N THR A 483 -20.93 27.61 1.16
CA THR A 483 -19.76 28.33 1.65
C THR A 483 -18.90 27.40 2.51
N ASN A 484 -19.53 26.36 3.02
CA ASN A 484 -18.84 25.37 3.85
C ASN A 484 -19.18 24.00 3.31
N GLU A 485 -18.19 23.39 2.65
CA GLU A 485 -18.32 22.08 2.01
C GLU A 485 -18.25 20.89 2.95
N ALA A 486 -18.72 19.75 2.46
CA ALA A 486 -18.71 18.51 3.24
C ALA A 486 -17.34 17.86 3.09
N PRO A 487 -16.89 17.16 4.14
CA PRO A 487 -15.59 16.49 4.11
C PRO A 487 -15.54 15.37 3.07
N ASN A 488 -16.67 15.11 2.42
CA ASN A 488 -16.72 14.06 1.42
C ASN A 488 -17.18 14.59 0.06
N TYR A 489 -17.22 15.91 -0.07
CA TYR A 489 -17.61 16.53 -1.33
C TYR A 489 -16.94 17.90 -1.51
N SER A 490 -15.88 17.92 -2.32
CA SER A 490 -15.09 19.10 -2.62
C SER A 490 -14.53 19.83 -1.38
N VAL A 491 -13.64 20.70 -1.57
#